data_4ME7
#
_entry.id   4ME7
#
_cell.length_a   81.503
_cell.length_b   91.618
_cell.length_c   104.334
_cell.angle_alpha   90.000
_cell.angle_beta   90.000
_cell.angle_gamma   90.000
#
_symmetry.space_group_name_H-M   'P 21 21 21'
#
loop_
_entity.id
_entity.type
_entity.pdbx_description
1 polymer 'mRNA interferase EndoA'
2 polymer 'Antitoxin EndoAI'
3 water water
#
loop_
_entity_poly.entity_id
_entity_poly.type
_entity_poly.pdbx_seq_one_letter_code
_entity_poly.pdbx_strand_id
1 'polypeptide(L)'
;(MSE)IVKRGDVYFADLSPVVGSEQGGVRPVLVIQNDIGNRFSPTAIVAAITAQIQKAKLPTHVEIDAKRYGFERDSVIL
LEQIRTIDKQRLTDKITHLDDE(MSE)(MSE)DKVDEALQISLALIDF
;
A,B,C,D
2 'polypeptide(L)'
;S(MSE)SESSARTE(MSE)KISLPENLVAELDGVA(MSE)REKRSRNELISQAVRAYVSERTTRHNRDL(MSE)RRGY
(MSE)E(MSE)AKINLNISSEAHFAECEAETTVERLVSGG
;
E,F
#
# COMPACT_ATOMS: atom_id res chain seq x y z
N ILE A 2 -10.70 14.98 2.99
CA ILE A 2 -9.33 14.51 3.04
C ILE A 2 -8.94 14.17 4.48
N VAL A 3 -9.89 14.34 5.40
CA VAL A 3 -9.65 14.16 6.83
C VAL A 3 -9.27 12.73 7.26
N LYS A 4 -8.25 12.63 8.10
CA LYS A 4 -7.83 11.36 8.63
C LYS A 4 -7.44 11.48 10.10
N ARG A 5 -7.64 10.40 10.86
CA ARG A 5 -7.29 10.38 12.27
C ARG A 5 -5.86 10.88 12.50
N GLY A 6 -5.69 11.72 13.53
CA GLY A 6 -4.37 12.23 13.88
C GLY A 6 -3.97 13.49 13.13
N ASP A 7 -4.77 13.88 12.14
CA ASP A 7 -4.55 15.14 11.45
C ASP A 7 -5.04 16.27 12.34
N VAL A 8 -4.27 17.36 12.41
CA VAL A 8 -4.70 18.55 13.13
C VAL A 8 -5.03 19.67 12.16
N TYR A 9 -6.18 20.31 12.33
CA TYR A 9 -6.66 21.34 11.42
C TYR A 9 -6.93 22.63 12.16
N PHE A 10 -7.52 23.60 11.47
CA PHE A 10 -8.03 24.78 12.15
C PHE A 10 -9.56 24.76 12.15
N ALA A 11 -10.16 25.49 13.09
CA ALA A 11 -11.61 25.46 13.32
C ALA A 11 -12.30 26.81 13.07
N ASP A 12 -13.62 26.83 13.19
CA ASP A 12 -14.41 28.05 12.96
C ASP A 12 -15.53 28.23 14.01
N LEU A 13 -15.85 29.49 14.30
CA LEU A 13 -16.79 29.82 15.36
C LEU A 13 -17.76 30.93 14.95
N VAL A 24 -9.08 29.60 13.57
CA VAL A 24 -8.79 30.10 14.92
C VAL A 24 -8.25 29.02 15.85
N ARG A 25 -9.01 27.94 16.03
CA ARG A 25 -8.67 26.90 17.00
C ARG A 25 -8.01 25.69 16.34
N PRO A 26 -6.87 25.23 16.90
CA PRO A 26 -6.23 23.97 16.51
C PRO A 26 -6.95 22.76 17.11
N VAL A 27 -7.24 21.74 16.31
CA VAL A 27 -8.01 20.61 16.82
C VAL A 27 -7.51 19.26 16.31
N LEU A 28 -7.28 18.33 17.24
CA LEU A 28 -6.88 16.99 16.87
C LEU A 28 -8.10 16.16 16.50
N VAL A 29 -8.09 15.61 15.28
CA VAL A 29 -9.17 14.75 14.85
C VAL A 29 -8.96 13.35 15.44
N ILE A 30 -10.00 12.81 16.08
CA ILE A 30 -9.89 11.55 16.81
C ILE A 30 -10.97 10.51 16.46
N GLN A 31 -11.83 10.80 15.50
CA GLN A 31 -12.81 9.83 15.02
C GLN A 31 -12.14 8.73 14.20
N ASN A 32 -12.88 7.66 13.93
CA ASN A 32 -12.33 6.58 13.13
C ASN A 32 -12.30 7.05 11.72
N ASP A 33 -11.37 6.51 10.93
CA ASP A 33 -11.21 6.99 9.57
C ASP A 33 -12.45 6.70 8.72
N ILE A 34 -13.24 5.69 9.06
CA ILE A 34 -14.48 5.42 8.32
C ILE A 34 -15.56 6.50 8.46
N GLY A 35 -15.88 6.85 9.69
CA GLY A 35 -16.75 7.99 9.97
C GLY A 35 -16.29 9.25 9.29
N ASN A 36 -14.98 9.48 9.33
CA ASN A 36 -14.36 10.66 8.73
C ASN A 36 -14.69 10.84 7.24
N ARG A 37 -14.96 9.76 6.53
CA ARG A 37 -15.20 9.85 5.09
C ARG A 37 -16.66 10.00 4.66
N PHE A 38 -17.58 9.33 5.35
CA PHE A 38 -18.98 9.30 4.92
C PHE A 38 -19.99 10.02 5.82
N SER A 39 -19.50 10.86 6.73
CA SER A 39 -20.37 11.59 7.64
C SER A 39 -20.02 13.07 7.72
N PRO A 40 -21.05 13.91 7.87
CA PRO A 40 -20.92 15.37 8.00
C PRO A 40 -20.24 15.80 9.29
N THR A 41 -20.20 14.93 10.29
CA THR A 41 -19.64 15.27 11.60
C THR A 41 -18.29 14.62 11.88
N ALA A 42 -17.45 15.30 12.65
CA ALA A 42 -16.13 14.78 13.02
C ALA A 42 -15.83 15.08 14.50
N ILE A 43 -15.29 14.10 15.20
CA ILE A 43 -15.01 14.31 16.62
C ILE A 43 -13.57 14.76 16.82
N VAL A 44 -13.39 15.94 17.40
CA VAL A 44 -12.06 16.50 17.66
C VAL A 44 -11.72 16.63 19.16
N ALA A 45 -10.45 16.89 19.47
CA ALA A 45 -10.02 17.19 20.83
C ALA A 45 -9.33 18.57 20.89
N ALA A 46 -9.68 19.39 21.89
CA ALA A 46 -9.16 20.75 21.96
C ALA A 46 -7.64 20.81 22.07
N ILE A 47 -7.03 21.80 21.43
CA ILE A 47 -5.59 22.05 21.57
C ILE A 47 -5.38 23.52 21.99
N THR A 48 -4.46 23.76 22.93
CA THR A 48 -4.28 25.08 23.52
C THR A 48 -2.78 25.35 23.64
N ALA A 49 -2.38 26.61 23.56
CA ALA A 49 -0.96 26.94 23.71
C ALA A 49 -0.67 27.62 25.04
N GLN A 50 -1.71 27.82 25.85
CA GLN A 50 -1.60 28.47 27.16
C GLN A 50 -0.66 27.73 28.10
N ILE A 51 -0.63 26.40 27.98
CA ILE A 51 0.29 25.61 28.78
C ILE A 51 1.33 24.95 27.87
N GLN A 52 2.58 24.92 28.34
CA GLN A 52 3.68 24.29 27.63
C GLN A 52 3.91 22.87 28.15
N LYS A 53 3.97 22.74 29.47
CA LYS A 53 4.21 21.46 30.12
C LYS A 53 2.90 20.68 30.33
N ALA A 54 2.11 21.10 31.32
CA ALA A 54 0.83 20.47 31.64
C ALA A 54 0.94 18.96 31.92
N LYS A 55 1.20 18.62 33.17
CA LYS A 55 1.18 17.22 33.62
C LYS A 55 -0.14 16.97 34.34
N LEU A 56 -0.74 15.82 34.03
CA LEU A 56 -2.08 15.42 34.44
C LEU A 56 -2.29 14.22 33.55
N PRO A 57 -3.21 13.31 33.93
CA PRO A 57 -3.42 12.11 33.10
C PRO A 57 -4.00 12.34 31.70
N THR A 58 -4.96 13.25 31.57
CA THR A 58 -5.67 13.44 30.29
C THR A 58 -5.01 14.43 29.31
N HIS A 59 -3.76 14.81 29.59
CA HIS A 59 -3.02 15.83 28.84
C HIS A 59 -1.83 15.23 28.06
N VAL A 60 -1.67 15.62 26.79
CA VAL A 60 -0.51 15.15 26.00
C VAL A 60 0.39 16.29 25.51
N GLU A 61 1.70 16.08 25.56
CA GLU A 61 2.66 17.14 25.28
C GLU A 61 3.23 17.09 23.87
N ILE A 62 3.13 18.22 23.17
CA ILE A 62 3.76 18.39 21.87
C ILE A 62 4.78 19.52 21.95
N ASP A 63 6.08 19.24 21.74
CA ASP A 63 6.98 20.37 21.51
C ASP A 63 6.95 20.66 20.03
N ALA A 64 6.94 21.96 19.71
CA ALA A 64 6.72 22.41 18.34
C ALA A 64 7.83 21.94 17.40
N LYS A 65 9.01 21.70 17.96
CA LYS A 65 10.19 21.43 17.16
C LYS A 65 10.21 20.02 16.58
N ARG A 66 9.04 19.52 16.17
CA ARG A 66 8.93 18.17 15.65
C ARG A 66 7.81 18.09 14.59
N TYR A 67 6.59 18.42 14.98
CA TYR A 67 5.43 18.27 14.09
C TYR A 67 5.00 19.51 13.31
N GLY A 68 5.99 20.22 12.76
CA GLY A 68 5.74 21.43 12.00
C GLY A 68 4.95 22.47 12.76
N PHE A 69 5.08 22.46 14.08
CA PHE A 69 4.35 23.40 14.92
C PHE A 69 5.17 24.65 15.17
N GLU A 70 4.48 25.78 15.38
CA GLU A 70 5.15 27.03 15.62
C GLU A 70 5.18 27.30 17.11
N ARG A 71 4.35 26.53 17.83
CA ARG A 71 4.12 26.77 19.25
C ARG A 71 4.09 25.48 20.08
N ASP A 72 4.72 25.50 21.24
CA ASP A 72 4.59 24.42 22.22
C ASP A 72 3.14 24.38 22.71
N SER A 73 2.44 23.32 22.32
CA SER A 73 1.01 23.16 22.62
C SER A 73 0.77 21.94 23.53
N VAL A 74 -0.46 21.79 24.05
CA VAL A 74 -0.83 20.61 24.83
C VAL A 74 -2.24 20.13 24.48
N ILE A 75 -2.45 18.82 24.36
CA ILE A 75 -3.75 18.27 23.97
C ILE A 75 -4.65 17.92 25.17
N LEU A 76 -5.96 18.15 25.03
CA LEU A 76 -6.87 17.95 26.15
C LEU A 76 -7.93 16.88 25.87
N LEU A 77 -7.69 15.65 26.31
CA LEU A 77 -8.66 14.58 26.08
C LEU A 77 -9.91 14.71 26.97
N GLU A 78 -9.97 15.78 27.76
CA GLU A 78 -11.15 16.10 28.55
C GLU A 78 -12.04 17.11 27.83
N GLN A 79 -11.55 17.66 26.73
CA GLN A 79 -12.21 18.76 26.04
C GLN A 79 -12.37 18.35 24.61
N ILE A 80 -13.48 17.70 24.33
CA ILE A 80 -13.70 17.17 22.99
C ILE A 80 -15.09 17.67 22.56
N ARG A 81 -15.34 17.70 21.25
CA ARG A 81 -16.63 18.12 20.72
C ARG A 81 -16.88 17.49 19.35
N THR A 82 -18.10 17.56 18.83
CA THR A 82 -18.40 16.93 17.54
C THR A 82 -19.14 17.86 16.60
N ILE A 83 -18.43 18.41 15.62
CA ILE A 83 -18.96 19.46 14.77
C ILE A 83 -19.16 19.07 13.32
N ASP A 84 -19.65 20.03 12.53
CA ASP A 84 -19.74 19.92 11.07
C ASP A 84 -18.37 19.78 10.40
N LYS A 85 -18.29 18.93 9.39
CA LYS A 85 -17.05 18.67 8.67
C LYS A 85 -16.47 19.93 8.03
N GLN A 86 -17.35 20.80 7.55
CA GLN A 86 -16.93 21.96 6.77
C GLN A 86 -16.23 23.07 7.57
N ARG A 87 -16.27 22.96 8.89
CA ARG A 87 -15.53 23.89 9.75
C ARG A 87 -14.05 23.51 9.81
N LEU A 88 -13.70 22.44 9.10
CA LEU A 88 -12.31 21.99 8.97
C LEU A 88 -11.74 22.48 7.64
N THR A 89 -10.92 23.52 7.71
CA THR A 89 -10.50 24.22 6.51
C THR A 89 -9.26 23.66 5.83
N ASP A 90 -8.10 23.85 6.47
CA ASP A 90 -6.85 23.34 5.92
C ASP A 90 -5.98 22.74 7.01
N LYS A 91 -5.15 21.77 6.63
CA LYS A 91 -4.41 20.95 7.60
C LYS A 91 -3.36 21.71 8.40
N ILE A 92 -2.55 20.95 9.12
CA ILE A 92 -1.35 21.46 9.78
C ILE A 92 -0.29 20.37 9.62
N THR A 93 -0.50 19.27 10.34
CA THR A 93 0.36 18.12 10.24
C THR A 93 -0.41 16.86 10.59
N HIS A 94 0.34 15.80 10.83
CA HIS A 94 -0.20 14.52 11.21
C HIS A 94 0.73 13.95 12.26
N LEU A 95 0.18 13.62 13.42
CA LEU A 95 0.95 13.03 14.50
C LEU A 95 1.34 11.58 14.18
N ASP A 96 2.61 11.24 14.37
CA ASP A 96 3.07 9.87 14.13
C ASP A 96 2.41 8.91 15.12
N ASP A 97 2.61 7.61 14.95
CA ASP A 97 1.93 6.62 15.77
C ASP A 97 2.27 6.70 17.26
N GLU A 98 3.54 6.90 17.57
CA GLU A 98 3.97 6.94 18.96
C GLU A 98 3.27 8.07 19.72
N ASP A 101 -0.43 6.97 20.31
CA ASP A 101 -0.49 6.04 21.42
C ASP A 101 -0.59 6.74 22.79
N LYS A 102 0.22 7.78 23.02
CA LYS A 102 0.12 8.57 24.25
C LYS A 102 -1.24 9.26 24.37
N VAL A 103 -1.81 9.66 23.25
CA VAL A 103 -3.13 10.30 23.24
C VAL A 103 -4.22 9.32 23.65
N ASP A 104 -4.30 8.20 22.92
CA ASP A 104 -5.21 7.10 23.24
C ASP A 104 -5.08 6.66 24.70
N GLU A 105 -3.84 6.56 25.15
CA GLU A 105 -3.51 6.16 26.51
C GLU A 105 -4.13 7.13 27.54
N ALA A 106 -4.61 8.27 27.05
CA ALA A 106 -5.20 9.29 27.92
C ALA A 106 -6.67 9.46 27.62
N LEU A 107 -7.02 9.36 26.35
CA LEU A 107 -8.42 9.28 25.95
C LEU A 107 -9.15 8.20 26.75
N GLN A 108 -8.51 7.04 26.94
CA GLN A 108 -9.12 5.91 27.64
C GLN A 108 -9.26 6.20 29.13
N ILE A 109 -8.27 6.87 29.71
CA ILE A 109 -8.38 7.34 31.08
C ILE A 109 -9.51 8.37 31.18
N SER A 110 -9.53 9.31 30.25
CA SER A 110 -10.56 10.35 30.22
C SER A 110 -11.96 9.74 30.24
N LEU A 111 -12.14 8.72 29.43
CA LEU A 111 -13.46 8.18 29.18
C LEU A 111 -13.76 7.02 30.12
N ALA A 112 -12.79 6.68 30.96
CA ALA A 112 -12.86 5.52 31.85
C ALA A 112 -13.11 4.25 31.06
N LEU A 113 -12.09 3.86 30.31
CA LEU A 113 -12.10 2.62 29.55
C LEU A 113 -10.91 1.75 29.99
N ILE A 114 -10.27 2.11 31.10
CA ILE A 114 -9.33 1.23 31.80
C ILE A 114 -9.44 1.40 33.33
N ASP A 115 -8.71 0.59 34.09
CA ASP A 115 -8.76 0.61 35.56
C ASP A 115 -10.18 0.50 36.11
N ILE B 2 -23.49 15.62 42.32
CA ILE B 2 -22.83 14.33 42.14
C ILE B 2 -23.35 13.62 40.90
N VAL B 3 -22.67 13.80 39.78
CA VAL B 3 -22.98 13.02 38.56
C VAL B 3 -22.12 11.77 38.46
N LYS B 4 -22.75 10.67 38.08
CA LYS B 4 -22.05 9.40 37.96
C LYS B 4 -21.97 8.93 36.50
N ARG B 5 -20.88 8.29 36.12
CA ARG B 5 -20.79 7.72 34.79
C ARG B 5 -21.87 6.67 34.62
N GLY B 6 -22.87 6.97 33.79
CA GLY B 6 -23.95 6.03 33.55
C GLY B 6 -25.25 6.75 33.79
N ASP B 7 -25.15 7.94 34.38
CA ASP B 7 -26.33 8.73 34.64
C ASP B 7 -26.79 9.33 33.35
N VAL B 8 -28.09 9.34 33.12
CA VAL B 8 -28.62 10.12 32.01
C VAL B 8 -29.50 11.24 32.54
N TYR B 9 -29.23 12.45 32.05
CA TYR B 9 -29.92 13.66 32.48
C TYR B 9 -30.55 14.34 31.28
N PHE B 10 -31.49 15.24 31.55
CA PHE B 10 -31.82 16.24 30.54
C PHE B 10 -30.76 17.33 30.60
N ALA B 11 -30.52 17.98 29.47
CA ALA B 11 -29.56 19.07 29.42
C ALA B 11 -30.17 20.27 28.74
N ASP B 12 -29.79 21.45 29.20
CA ASP B 12 -30.27 22.70 28.62
C ASP B 12 -29.27 23.20 27.59
N LEU B 13 -29.69 23.21 26.33
CA LEU B 13 -28.79 23.59 25.24
C LEU B 13 -29.09 24.99 24.74
N SER B 14 -29.35 25.89 25.69
CA SER B 14 -29.62 27.28 25.35
C SER B 14 -28.55 28.18 25.93
N PRO B 15 -28.44 29.41 25.41
CA PRO B 15 -27.63 30.44 26.07
C PRO B 15 -28.38 30.97 27.28
N VAL B 16 -28.18 30.34 28.44
CA VAL B 16 -29.01 30.54 29.63
C VAL B 16 -30.46 30.11 29.39
N GLY B 23 -33.42 23.06 22.20
CA GLY B 23 -34.38 22.67 23.23
C GLY B 23 -33.72 21.86 24.32
N VAL B 24 -34.52 21.19 25.14
CA VAL B 24 -33.96 20.29 26.17
C VAL B 24 -33.89 18.86 25.65
N ARG B 25 -32.69 18.29 25.65
CA ARG B 25 -32.47 16.95 25.11
C ARG B 25 -31.77 16.01 26.09
N PRO B 26 -32.18 14.74 26.11
CA PRO B 26 -31.52 13.70 26.91
C PRO B 26 -30.03 13.59 26.56
N VAL B 27 -29.24 12.99 27.45
CA VAL B 27 -27.78 13.04 27.34
C VAL B 27 -27.19 11.98 28.27
N LEU B 28 -26.10 11.34 27.88
CA LEU B 28 -25.52 10.27 28.70
C LEU B 28 -24.12 10.62 29.20
N VAL B 29 -23.93 10.66 30.51
CA VAL B 29 -22.61 10.97 31.05
C VAL B 29 -21.68 9.77 30.85
N ILE B 30 -20.51 10.03 30.24
CA ILE B 30 -19.57 8.95 29.91
C ILE B 30 -18.15 9.17 30.45
N GLN B 31 -17.91 10.33 31.04
CA GLN B 31 -16.63 10.66 31.66
C GLN B 31 -16.42 9.91 32.97
N ASN B 32 -15.16 9.60 33.30
CA ASN B 32 -14.82 8.97 34.58
C ASN B 32 -15.40 9.71 35.80
N ASP B 33 -15.59 8.99 36.90
CA ASP B 33 -16.26 9.58 38.07
C ASP B 33 -15.44 10.59 38.88
N ILE B 34 -14.11 10.45 38.88
CA ILE B 34 -13.25 11.44 39.53
C ILE B 34 -13.46 12.82 38.92
N GLY B 35 -13.33 12.90 37.60
CA GLY B 35 -13.58 14.14 36.88
C GLY B 35 -15.02 14.60 37.01
N ASN B 36 -15.95 13.66 37.12
CA ASN B 36 -17.36 13.99 37.28
C ASN B 36 -17.67 14.64 38.62
N ARG B 37 -16.65 14.76 39.48
CA ARG B 37 -16.85 15.34 40.79
C ARG B 37 -16.07 16.63 40.95
N PHE B 38 -14.77 16.59 40.66
CA PHE B 38 -13.89 17.70 40.90
C PHE B 38 -13.61 18.54 39.67
N SER B 39 -14.55 18.53 38.73
CA SER B 39 -14.40 19.29 37.49
C SER B 39 -15.72 19.92 37.09
N PRO B 40 -15.68 21.16 36.60
CA PRO B 40 -16.88 21.89 36.20
C PRO B 40 -17.52 21.29 34.96
N THR B 41 -16.71 20.66 34.10
CA THR B 41 -17.16 20.14 32.83
C THR B 41 -17.53 18.65 32.94
N ALA B 42 -18.48 18.21 32.09
CA ALA B 42 -18.80 16.80 31.93
C ALA B 42 -18.82 16.41 30.45
N ILE B 43 -18.28 15.23 30.14
CA ILE B 43 -18.33 14.71 28.77
C ILE B 43 -19.55 13.81 28.62
N VAL B 44 -20.39 14.13 27.63
CA VAL B 44 -21.63 13.37 27.41
C VAL B 44 -21.81 12.89 25.98
N ALA B 45 -22.81 12.06 25.75
CA ALA B 45 -23.08 11.50 24.41
C ALA B 45 -24.56 11.65 24.12
N ALA B 46 -24.90 12.31 23.02
CA ALA B 46 -26.30 12.63 22.76
C ALA B 46 -27.19 11.39 22.67
N ILE B 47 -28.50 11.62 22.78
CA ILE B 47 -29.50 10.56 22.68
C ILE B 47 -30.64 11.10 21.84
N THR B 48 -31.14 10.30 20.92
CA THR B 48 -32.21 10.74 20.04
C THR B 48 -33.35 9.72 19.99
N ALA B 49 -34.52 10.15 19.53
CA ALA B 49 -35.66 9.26 19.41
C ALA B 49 -36.24 9.28 18.01
N GLN B 50 -35.48 9.81 17.06
CA GLN B 50 -35.93 9.84 15.66
C GLN B 50 -35.75 8.48 14.99
N ILE B 51 -35.01 7.59 15.67
CA ILE B 51 -34.87 6.20 15.29
C ILE B 51 -35.10 5.32 16.54
N GLN B 52 -35.42 4.04 16.34
CA GLN B 52 -35.65 3.12 17.45
C GLN B 52 -34.67 1.94 17.41
N LYS B 53 -34.03 1.77 16.27
CA LYS B 53 -33.07 0.70 16.08
C LYS B 53 -31.68 1.27 15.79
N ALA B 54 -30.64 0.54 16.16
CA ALA B 54 -29.28 0.93 15.79
C ALA B 54 -29.06 0.84 14.28
N LYS B 55 -28.40 1.86 13.73
CA LYS B 55 -28.05 1.90 12.32
C LYS B 55 -26.54 1.92 12.16
N LEU B 56 -25.84 1.74 13.29
CA LEU B 56 -24.39 1.78 13.32
C LEU B 56 -23.87 0.99 14.51
N PRO B 57 -22.63 0.49 14.41
CA PRO B 57 -21.98 -0.17 15.56
C PRO B 57 -21.61 0.83 16.64
N THR B 58 -21.84 2.11 16.39
CA THR B 58 -21.66 3.15 17.40
C THR B 58 -22.96 3.52 18.09
N HIS B 59 -24.01 2.70 17.95
CA HIS B 59 -25.31 2.98 18.56
C HIS B 59 -25.66 1.99 19.66
N VAL B 60 -26.30 2.45 20.73
CA VAL B 60 -26.81 1.55 21.76
C VAL B 60 -28.31 1.81 21.95
N GLU B 61 -29.13 0.76 21.80
CA GLU B 61 -30.57 0.92 21.94
C GLU B 61 -30.99 1.03 23.40
N ILE B 62 -32.06 1.79 23.63
CA ILE B 62 -32.63 1.95 24.96
C ILE B 62 -34.10 1.61 24.91
N ASP B 63 -34.52 0.59 25.66
CA ASP B 63 -35.93 0.22 25.73
C ASP B 63 -36.71 1.22 26.58
N ALA B 64 -37.90 1.61 26.12
CA ALA B 64 -38.70 2.61 26.83
C ALA B 64 -39.20 2.13 28.20
N LYS B 65 -39.80 0.95 28.24
CA LYS B 65 -40.41 0.46 29.47
C LYS B 65 -39.38 0.10 30.52
N ARG B 66 -38.25 -0.43 30.09
CA ARG B 66 -37.21 -0.86 31.01
C ARG B 66 -36.50 0.31 31.71
N TYR B 67 -36.36 1.43 31.00
CA TYR B 67 -35.64 2.59 31.53
C TYR B 67 -36.50 3.85 31.63
N GLY B 68 -37.82 3.65 31.71
CA GLY B 68 -38.75 4.75 31.89
C GLY B 68 -38.61 5.86 30.87
N PHE B 69 -38.69 5.51 29.60
CA PHE B 69 -38.72 6.52 28.53
C PHE B 69 -40.11 6.54 27.93
N GLU B 70 -40.50 7.70 27.39
CA GLU B 70 -41.79 7.82 26.73
C GLU B 70 -41.79 7.00 25.44
N ARG B 71 -40.65 6.99 24.75
CA ARG B 71 -40.50 6.25 23.51
C ARG B 71 -39.11 5.65 23.38
N ASP B 72 -39.01 4.54 22.65
CA ASP B 72 -37.74 3.85 22.45
C ASP B 72 -36.72 4.80 21.84
N SER B 73 -35.48 4.73 22.32
CA SER B 73 -34.43 5.67 21.90
C SER B 73 -33.10 4.98 21.61
N VAL B 74 -32.16 5.74 21.09
CA VAL B 74 -30.84 5.23 20.73
C VAL B 74 -29.74 6.22 21.14
N ILE B 75 -28.75 5.74 21.87
CA ILE B 75 -27.59 6.55 22.22
C ILE B 75 -26.63 6.66 21.03
N LEU B 76 -26.15 7.87 20.75
CA LEU B 76 -25.28 8.11 19.61
C LEU B 76 -23.83 8.34 20.02
N LEU B 77 -23.04 7.28 20.10
CA LEU B 77 -21.64 7.38 20.49
C LEU B 77 -20.73 8.00 19.41
N GLU B 78 -21.32 8.42 18.29
CA GLU B 78 -20.62 9.24 17.31
C GLU B 78 -20.83 10.71 17.65
N GLN B 79 -21.77 10.96 18.55
CA GLN B 79 -22.11 12.32 18.94
C GLN B 79 -21.70 12.56 20.37
N ILE B 80 -20.46 12.98 20.61
CA ILE B 80 -20.01 13.23 21.98
C ILE B 80 -19.40 14.62 22.18
N ARG B 81 -19.67 15.24 23.33
CA ARG B 81 -19.15 16.57 23.61
C ARG B 81 -19.04 16.82 25.11
N THR B 82 -18.19 17.77 25.49
CA THR B 82 -18.04 18.09 26.91
C THR B 82 -18.77 19.39 27.21
N ILE B 83 -19.64 19.35 28.22
CA ILE B 83 -20.43 20.52 28.59
C ILE B 83 -20.29 20.90 30.07
N ASP B 84 -20.77 22.09 30.41
CA ASP B 84 -20.82 22.52 31.79
C ASP B 84 -21.89 21.71 32.52
N LYS B 85 -21.53 21.15 33.68
CA LYS B 85 -22.44 20.30 34.45
C LYS B 85 -23.71 21.04 34.83
N GLN B 86 -23.62 22.37 34.89
CA GLN B 86 -24.75 23.20 35.32
C GLN B 86 -25.95 23.08 34.38
N ARG B 87 -25.68 22.64 33.15
CA ARG B 87 -26.75 22.44 32.18
C ARG B 87 -27.47 21.12 32.38
N LEU B 88 -26.96 20.31 33.29
CA LEU B 88 -27.64 19.08 33.66
C LEU B 88 -28.74 19.38 34.68
N THR B 89 -30.00 19.14 34.31
CA THR B 89 -31.12 19.39 35.23
C THR B 89 -31.68 18.09 35.83
N ASP B 90 -32.76 17.57 35.24
CA ASP B 90 -33.40 16.36 35.77
C ASP B 90 -32.60 15.09 35.47
N LYS B 91 -32.35 14.27 36.47
CA LYS B 91 -31.74 12.99 36.28
C LYS B 91 -32.81 12.00 36.00
N ILE B 92 -32.91 11.61 34.75
CA ILE B 92 -33.85 10.64 34.29
C ILE B 92 -33.60 9.29 34.91
N THR B 93 -32.48 8.67 34.57
CA THR B 93 -32.22 7.35 35.08
C THR B 93 -30.76 7.07 35.25
N HIS B 94 -30.49 5.79 35.34
CA HIS B 94 -29.12 5.29 35.37
C HIS B 94 -29.07 3.96 34.60
N LEU B 95 -27.99 3.70 33.88
CA LEU B 95 -27.91 2.48 33.12
C LEU B 95 -27.06 1.43 33.83
N ASP B 96 -27.52 0.18 33.83
CA ASP B 96 -26.80 -0.90 34.50
C ASP B 96 -25.47 -1.23 33.84
N ASP B 97 -24.74 -2.17 34.42
CA ASP B 97 -23.46 -2.59 33.88
C ASP B 97 -23.60 -3.21 32.50
N GLU B 98 -24.74 -3.87 32.27
CA GLU B 98 -25.01 -4.53 31.00
C GLU B 98 -25.05 -3.54 29.85
N ASP B 101 -21.71 -1.76 29.04
CA ASP B 101 -20.71 -2.55 28.36
C ASP B 101 -20.88 -2.36 26.86
N LYS B 102 -22.11 -2.07 26.46
CA LYS B 102 -22.46 -1.79 25.11
C LYS B 102 -21.93 -0.41 24.71
N VAL B 103 -22.28 0.59 25.50
CA VAL B 103 -21.72 1.93 25.36
C VAL B 103 -20.19 1.91 25.27
N ASP B 104 -19.54 1.01 26.02
CA ASP B 104 -18.08 0.92 26.04
C ASP B 104 -17.51 0.44 24.72
N GLU B 105 -18.08 -0.61 24.15
CA GLU B 105 -17.52 -1.16 22.92
C GLU B 105 -17.90 -0.31 21.71
N ALA B 106 -18.99 0.45 21.82
CA ALA B 106 -19.45 1.31 20.76
C ALA B 106 -18.56 2.54 20.70
N LEU B 107 -18.05 2.91 21.86
CA LEU B 107 -17.24 4.09 22.03
C LEU B 107 -15.83 3.80 21.54
N GLN B 108 -15.34 2.60 21.81
CA GLN B 108 -14.01 2.24 21.36
C GLN B 108 -13.96 2.13 19.83
N ILE B 109 -15.06 1.70 19.23
CA ILE B 109 -15.15 1.66 17.79
C ILE B 109 -15.17 3.08 17.23
N SER B 110 -16.06 3.91 17.75
CA SER B 110 -16.19 5.29 17.34
C SER B 110 -14.89 6.07 17.40
N LEU B 111 -14.04 5.76 18.38
CA LEU B 111 -12.79 6.51 18.55
C LEU B 111 -11.55 5.69 18.22
N ALA B 112 -11.76 4.55 17.53
CA ALA B 112 -10.66 3.67 17.09
C ALA B 112 -9.72 3.27 18.22
N LEU B 113 -10.30 2.77 19.32
CA LEU B 113 -9.54 2.24 20.45
C LEU B 113 -9.62 0.73 20.28
N ILE B 114 -9.68 0.34 19.01
CA ILE B 114 -9.60 -1.06 18.59
C ILE B 114 -8.59 -1.16 17.45
N ILE C 2 25.18 -10.41 -42.35
CA ILE C 2 23.82 -10.84 -42.03
C ILE C 2 23.76 -11.55 -40.68
N VAL C 3 23.46 -10.80 -39.63
CA VAL C 3 23.22 -11.37 -38.30
C VAL C 3 21.74 -11.63 -38.10
N LYS C 4 21.44 -12.79 -37.52
CA LYS C 4 20.06 -13.20 -37.28
C LYS C 4 19.77 -13.28 -35.77
N ARG C 5 18.54 -12.92 -35.38
CA ARG C 5 18.15 -13.09 -33.98
C ARG C 5 18.21 -14.56 -33.59
N GLY C 6 19.18 -14.91 -32.75
CA GLY C 6 19.34 -16.29 -32.36
C GLY C 6 20.76 -16.72 -32.63
N ASP C 7 21.47 -15.88 -33.37
CA ASP C 7 22.85 -16.17 -33.67
C ASP C 7 23.68 -15.88 -32.46
N VAL C 8 24.63 -16.76 -32.16
CA VAL C 8 25.60 -16.43 -31.13
C VAL C 8 27.00 -16.31 -31.75
N TYR C 9 27.66 -15.20 -31.44
CA TYR C 9 28.97 -14.87 -31.98
C TYR C 9 29.96 -14.69 -30.87
N PHE C 10 31.24 -14.70 -31.21
CA PHE C 10 32.23 -14.11 -30.33
C PHE C 10 32.23 -12.62 -30.61
N ALA C 11 32.56 -11.83 -29.59
CA ALA C 11 32.63 -10.39 -29.74
C ALA C 11 33.97 -9.90 -29.20
N ASP C 12 34.48 -8.85 -29.82
CA ASP C 12 35.72 -8.23 -29.38
C ASP C 12 35.41 -7.04 -28.48
N LEU C 13 35.77 -7.15 -27.21
CA LEU C 13 35.45 -6.11 -26.24
C LEU C 13 36.66 -5.24 -25.94
N SER C 14 37.43 -4.92 -26.97
CA SER C 14 38.59 -4.08 -26.79
C SER C 14 38.41 -2.78 -27.54
N PRO C 15 39.21 -1.76 -27.20
CA PRO C 15 39.29 -0.56 -28.04
C PRO C 15 40.13 -0.90 -29.26
N VAL C 16 39.50 -1.37 -30.35
CA VAL C 16 40.18 -1.97 -31.50
C VAL C 16 40.78 -3.35 -31.10
N VAL C 17 41.42 -4.05 -32.01
CA VAL C 17 42.05 -5.34 -31.66
C VAL C 17 43.36 -5.12 -30.86
N GLY C 18 43.45 -5.80 -29.72
CA GLY C 18 44.65 -5.79 -28.89
C GLY C 18 44.63 -7.07 -28.08
N SER C 19 44.07 -8.11 -28.67
CA SER C 19 43.79 -9.38 -27.98
C SER C 19 45.04 -10.06 -27.45
N VAL C 24 37.89 -11.74 -25.51
CA VAL C 24 36.81 -12.14 -26.41
C VAL C 24 35.80 -13.02 -25.69
N ARG C 25 34.54 -12.61 -25.70
CA ARG C 25 33.48 -13.32 -24.98
C ARG C 25 32.28 -13.64 -25.87
N PRO C 26 31.67 -14.81 -25.66
CA PRO C 26 30.44 -15.20 -26.36
C PRO C 26 29.31 -14.21 -26.12
N VAL C 27 28.29 -14.20 -26.97
CA VAL C 27 27.29 -13.14 -26.96
C VAL C 27 26.09 -13.60 -27.77
N LEU C 28 24.88 -13.24 -27.35
CA LEU C 28 23.68 -13.71 -28.05
C LEU C 28 22.87 -12.56 -28.66
N VAL C 29 22.67 -12.58 -29.97
CA VAL C 29 21.93 -11.51 -30.62
C VAL C 29 20.45 -11.65 -30.30
N ILE C 30 19.82 -10.60 -29.78
CA ILE C 30 18.42 -10.67 -29.38
C ILE C 30 17.52 -9.63 -30.05
N GLN C 31 18.13 -8.69 -30.78
CA GLN C 31 17.39 -7.67 -31.51
C GLN C 31 16.66 -8.24 -32.74
N ASN C 32 15.53 -7.62 -33.10
CA ASN C 32 14.77 -8.02 -34.30
C ASN C 32 15.63 -8.04 -35.56
N ASP C 33 15.20 -8.81 -36.55
CA ASP C 33 16.02 -9.05 -37.74
C ASP C 33 16.10 -7.87 -38.72
N ILE C 34 15.06 -7.04 -38.76
CA ILE C 34 15.08 -5.84 -39.61
C ILE C 34 16.21 -4.93 -39.17
N GLY C 35 16.25 -4.62 -37.87
CA GLY C 35 17.33 -3.83 -37.31
C GLY C 35 18.68 -4.51 -37.44
N ASN C 36 18.68 -5.83 -37.34
CA ASN C 36 19.91 -6.61 -37.49
C ASN C 36 20.51 -6.55 -38.89
N ARG C 37 19.83 -5.88 -39.80
CA ARG C 37 20.29 -5.78 -41.17
C ARG C 37 20.64 -4.36 -41.57
N PHE C 38 19.68 -3.46 -41.36
CA PHE C 38 19.81 -2.08 -41.79
C PHE C 38 20.26 -1.13 -40.70
N SER C 39 20.98 -1.65 -39.71
CA SER C 39 21.46 -0.84 -38.61
C SER C 39 22.87 -1.25 -38.22
N PRO C 40 23.72 -0.27 -37.91
CA PRO C 40 25.11 -0.53 -37.54
C PRO C 40 25.22 -1.21 -36.19
N THR C 41 24.26 -0.97 -35.30
CA THR C 41 24.27 -1.50 -33.94
C THR C 41 23.50 -2.82 -33.81
N ALA C 42 23.93 -3.67 -32.88
CA ALA C 42 23.19 -4.90 -32.52
C ALA C 42 23.01 -4.97 -31.01
N ILE C 43 21.82 -5.40 -30.55
CA ILE C 43 21.56 -5.60 -29.12
C ILE C 43 21.82 -7.06 -28.73
N VAL C 44 22.71 -7.29 -27.78
CA VAL C 44 23.10 -8.64 -27.39
C VAL C 44 22.97 -8.91 -25.88
N ALA C 45 23.09 -10.17 -25.50
CA ALA C 45 22.98 -10.57 -24.10
C ALA C 45 24.18 -11.43 -23.76
N ALA C 46 24.95 -11.05 -22.74
CA ALA C 46 26.18 -11.77 -22.44
C ALA C 46 25.97 -13.25 -22.11
N ILE C 47 27.05 -14.01 -22.16
CA ILE C 47 27.04 -15.44 -21.88
C ILE C 47 28.29 -15.73 -21.07
N THR C 48 28.14 -16.52 -20.02
CA THR C 48 29.27 -16.84 -19.15
C THR C 48 29.36 -18.33 -18.88
N ALA C 49 30.52 -18.77 -18.41
CA ALA C 49 30.74 -20.18 -18.12
C ALA C 49 31.25 -20.39 -16.70
N GLN C 50 31.12 -19.35 -15.87
CA GLN C 50 31.53 -19.44 -14.48
C GLN C 50 30.50 -20.19 -13.64
N ILE C 51 29.31 -20.38 -14.23
CA ILE C 51 28.27 -21.24 -13.69
C ILE C 51 27.75 -22.17 -14.79
N GLN C 52 27.13 -23.28 -14.40
CA GLN C 52 26.56 -24.23 -15.36
C GLN C 52 25.06 -24.38 -15.20
N LYS C 53 24.54 -23.89 -14.07
CA LYS C 53 23.11 -23.96 -13.79
C LYS C 53 22.53 -22.56 -13.64
N ALA C 54 21.25 -22.41 -13.97
CA ALA C 54 20.57 -21.14 -13.76
C ALA C 54 20.43 -20.85 -12.27
N LYS C 55 20.68 -19.60 -11.90
CA LYS C 55 20.56 -19.13 -10.53
C LYS C 55 19.50 -18.04 -10.48
N LEU C 56 18.79 -17.88 -11.59
CA LEU C 56 17.78 -16.82 -11.74
C LEU C 56 16.80 -17.19 -12.84
N PRO C 57 15.57 -16.65 -12.75
CA PRO C 57 14.58 -16.81 -13.82
C PRO C 57 14.95 -15.99 -15.05
N THR C 58 16.04 -15.25 -14.96
CA THR C 58 16.56 -14.52 -16.11
C THR C 58 17.71 -15.25 -16.77
N HIS C 59 17.89 -16.54 -16.45
CA HIS C 59 18.99 -17.33 -17.03
C HIS C 59 18.50 -18.43 -17.96
N VAL C 60 19.24 -18.69 -19.03
CA VAL C 60 18.94 -19.82 -19.91
C VAL C 60 20.16 -20.73 -20.08
N GLU C 61 20.03 -22.00 -19.73
CA GLU C 61 21.16 -22.92 -19.79
C GLU C 61 21.45 -23.35 -21.21
N ILE C 62 22.73 -23.56 -21.50
CA ILE C 62 23.18 -24.02 -22.80
C ILE C 62 24.02 -25.27 -22.61
N ASP C 63 23.58 -26.38 -23.22
CA ASP C 63 24.32 -27.63 -23.14
C ASP C 63 25.51 -27.58 -24.08
N ALA C 64 26.66 -28.08 -23.61
CA ALA C 64 27.89 -28.01 -24.39
C ALA C 64 27.85 -28.89 -25.64
N LYS C 65 27.44 -30.14 -25.49
CA LYS C 65 27.49 -31.08 -26.60
C LYS C 65 26.45 -30.77 -27.65
N ARG C 66 25.29 -30.29 -27.22
CA ARG C 66 24.19 -30.01 -28.13
C ARG C 66 24.45 -28.79 -29.01
N TYR C 67 25.18 -27.81 -28.48
CA TYR C 67 25.44 -26.56 -29.20
C TYR C 67 26.92 -26.28 -29.43
N GLY C 68 27.73 -27.34 -29.42
CA GLY C 68 29.15 -27.23 -29.68
C GLY C 68 29.88 -26.21 -28.82
N PHE C 69 29.77 -26.33 -27.51
CA PHE C 69 30.54 -25.49 -26.61
C PHE C 69 31.58 -26.35 -25.92
N GLU C 70 32.67 -25.72 -25.54
CA GLU C 70 33.75 -26.34 -24.82
C GLU C 70 33.23 -26.84 -23.48
N ARG C 71 32.49 -25.96 -22.80
CA ARG C 71 31.93 -26.22 -21.46
C ARG C 71 30.53 -25.59 -21.21
N ASP C 72 29.68 -26.29 -20.49
CA ASP C 72 28.30 -25.85 -20.26
C ASP C 72 28.27 -24.39 -19.85
N SER C 73 27.30 -23.65 -20.38
CA SER C 73 27.23 -22.22 -20.14
C SER C 73 25.82 -21.74 -19.85
N VAL C 74 25.70 -20.47 -19.48
CA VAL C 74 24.41 -19.87 -19.15
C VAL C 74 24.29 -18.47 -19.75
N ILE C 75 23.19 -18.21 -20.43
CA ILE C 75 22.92 -16.88 -20.98
C ILE C 75 22.35 -16.00 -19.86
N LEU C 76 22.84 -14.77 -19.77
CA LEU C 76 22.46 -13.82 -18.70
C LEU C 76 21.55 -12.70 -19.21
N LEU C 77 20.23 -12.93 -19.17
CA LEU C 77 19.28 -11.95 -19.70
C LEU C 77 19.12 -10.72 -18.80
N GLU C 78 19.88 -10.69 -17.71
CA GLU C 78 20.03 -9.48 -16.90
C GLU C 78 21.20 -8.63 -17.45
N GLN C 79 22.01 -9.23 -18.32
CA GLN C 79 23.17 -8.56 -18.86
C GLN C 79 22.98 -8.31 -20.36
N ILE C 80 22.34 -7.21 -20.72
CA ILE C 80 22.13 -6.89 -22.13
C ILE C 80 22.63 -5.50 -22.55
N ARG C 81 23.13 -5.39 -23.77
CA ARG C 81 23.70 -4.16 -24.26
C ARG C 81 23.76 -4.09 -25.75
N THR C 82 23.77 -2.90 -26.32
CA THR C 82 23.81 -2.76 -27.78
C THR C 82 25.23 -2.39 -28.19
N ILE C 83 25.77 -3.15 -29.14
CA ILE C 83 27.13 -2.90 -29.61
C ILE C 83 27.20 -2.76 -31.14
N ASP C 84 28.35 -2.30 -31.60
CA ASP C 84 28.63 -2.21 -33.04
C ASP C 84 28.82 -3.63 -33.59
N LYS C 85 28.10 -3.92 -34.68
CA LYS C 85 28.11 -5.26 -35.30
C LYS C 85 29.51 -5.68 -35.69
N GLN C 86 30.37 -4.70 -35.91
CA GLN C 86 31.74 -4.93 -36.37
C GLN C 86 32.56 -5.72 -35.36
N ARG C 87 32.13 -5.71 -34.10
CA ARG C 87 32.82 -6.45 -33.06
C ARG C 87 32.40 -7.91 -33.03
N LEU C 88 31.43 -8.26 -33.85
CA LEU C 88 31.03 -9.65 -34.00
C LEU C 88 31.97 -10.34 -34.99
N THR C 89 32.72 -11.34 -34.51
CA THR C 89 33.65 -12.06 -35.38
C THR C 89 33.12 -13.44 -35.78
N ASP C 90 33.55 -14.46 -35.07
CA ASP C 90 33.15 -15.82 -35.34
C ASP C 90 31.68 -16.07 -35.02
N LYS C 91 30.92 -16.64 -35.93
CA LYS C 91 29.61 -17.20 -35.58
C LYS C 91 29.79 -18.62 -35.07
N ILE C 92 29.59 -18.82 -33.78
CA ILE C 92 29.76 -20.15 -33.18
C ILE C 92 28.57 -21.09 -33.38
N THR C 93 27.35 -20.57 -33.26
CA THR C 93 26.15 -21.35 -33.57
C THR C 93 24.87 -20.55 -33.68
N HIS C 94 23.75 -21.25 -33.67
CA HIS C 94 22.42 -20.64 -33.73
C HIS C 94 21.48 -21.46 -32.87
N LEU C 95 20.60 -20.79 -32.13
CA LEU C 95 19.71 -21.48 -31.21
C LEU C 95 18.34 -21.74 -31.84
N ASP C 96 17.80 -22.93 -31.63
CA ASP C 96 16.50 -23.30 -32.18
C ASP C 96 15.36 -22.52 -31.56
N ASP C 97 14.15 -22.77 -32.03
CA ASP C 97 12.96 -22.10 -31.53
C ASP C 97 12.72 -22.44 -30.06
N GLU C 98 13.08 -23.66 -29.67
CA GLU C 98 12.88 -24.13 -28.30
C GLU C 98 13.67 -23.30 -27.31
N ASP C 101 12.56 -19.63 -26.93
CA ASP C 101 11.31 -19.40 -26.21
C ASP C 101 11.66 -19.18 -24.73
N LYS C 102 12.75 -19.79 -24.31
CA LYS C 102 13.27 -19.62 -22.97
C LYS C 102 13.86 -18.23 -22.81
N VAL C 103 14.78 -17.86 -23.71
CA VAL C 103 15.31 -16.51 -23.80
C VAL C 103 14.20 -15.46 -23.82
N ASP C 104 13.08 -15.76 -24.46
CA ASP C 104 11.96 -14.82 -24.55
C ASP C 104 11.29 -14.55 -23.23
N GLU C 105 10.96 -15.61 -22.49
CA GLU C 105 10.26 -15.43 -21.21
C GLU C 105 11.21 -14.92 -20.11
N ALA C 106 12.50 -15.18 -20.27
CA ALA C 106 13.53 -14.74 -19.33
C ALA C 106 13.75 -13.24 -19.47
N LEU C 107 13.62 -12.78 -20.71
CA LEU C 107 13.81 -11.40 -21.09
C LEU C 107 12.62 -10.54 -20.63
N GLN C 108 11.41 -11.07 -20.76
CA GLN C 108 10.23 -10.35 -20.33
C GLN C 108 10.22 -10.21 -18.80
N ILE C 109 10.75 -11.19 -18.10
CA ILE C 109 10.83 -11.09 -16.65
C ILE C 109 11.85 -10.02 -16.28
N SER C 110 13.03 -10.12 -16.89
CA SER C 110 14.13 -9.19 -16.65
C SER C 110 13.73 -7.72 -16.87
N LEU C 111 12.84 -7.47 -17.82
CA LEU C 111 12.48 -6.11 -18.17
C LEU C 111 11.03 -5.81 -17.84
N ALA C 112 10.39 -6.67 -17.03
CA ALA C 112 9.02 -6.46 -16.53
C ALA C 112 8.00 -6.26 -17.64
N LEU C 113 7.92 -7.25 -18.54
CA LEU C 113 7.06 -7.17 -19.73
C LEU C 113 5.84 -8.07 -19.92
N ILE C 114 4.97 -7.60 -20.82
CA ILE C 114 3.81 -8.36 -21.30
C ILE C 114 2.72 -8.43 -20.25
N ILE D 2 17.65 3.30 -3.94
CA ILE D 2 16.39 2.75 -4.45
C ILE D 2 16.05 3.30 -5.83
N VAL D 3 16.44 2.58 -6.87
CA VAL D 3 16.00 2.93 -8.22
C VAL D 3 14.74 2.17 -8.60
N LYS D 4 13.84 2.86 -9.29
CA LYS D 4 12.56 2.27 -9.66
C LYS D 4 12.42 2.22 -11.17
N ARG D 5 11.82 1.16 -11.70
CA ARG D 5 11.61 1.08 -13.15
C ARG D 5 10.71 2.24 -13.61
N GLY D 6 11.27 3.15 -14.37
CA GLY D 6 10.54 4.32 -14.81
C GLY D 6 11.26 5.57 -14.37
N ASP D 7 12.22 5.39 -13.47
CA ASP D 7 13.04 6.51 -13.02
C ASP D 7 13.97 6.89 -14.13
N VAL D 8 14.11 8.19 -14.37
CA VAL D 8 15.17 8.65 -15.25
C VAL D 8 16.21 9.47 -14.46
N TYR D 9 17.47 9.11 -14.65
CA TYR D 9 18.59 9.69 -13.93
C TYR D 9 19.58 10.28 -14.91
N PHE D 10 20.47 11.14 -14.43
CA PHE D 10 21.71 11.40 -15.16
C PHE D 10 22.68 10.28 -14.85
N ALA D 11 23.54 9.98 -15.81
CA ALA D 11 24.53 8.94 -15.61
C ALA D 11 25.91 9.46 -15.96
N ASP D 12 26.92 8.96 -15.26
CA ASP D 12 28.28 9.34 -15.54
C ASP D 12 28.95 8.29 -16.42
N VAL D 24 27.99 13.68 -19.19
CA VAL D 24 26.83 13.18 -18.45
C VAL D 24 25.54 13.22 -19.28
N ARG D 25 24.90 12.07 -19.45
CA ARG D 25 23.72 11.92 -20.30
C ARG D 25 22.52 11.32 -19.54
N PRO D 26 21.32 11.80 -19.84
CA PRO D 26 20.06 11.22 -19.33
C PRO D 26 19.93 9.74 -19.70
N VAL D 27 19.10 9.01 -18.97
CA VAL D 27 19.06 7.55 -19.06
C VAL D 27 17.76 7.07 -18.42
N LEU D 28 17.13 6.05 -18.99
CA LEU D 28 15.87 5.52 -18.42
C LEU D 28 15.99 4.10 -17.87
N VAL D 29 15.68 3.92 -16.59
CA VAL D 29 15.77 2.59 -15.99
C VAL D 29 14.62 1.73 -16.46
N ILE D 30 14.92 0.55 -17.02
CA ILE D 30 13.88 -0.30 -17.59
C ILE D 30 13.83 -1.71 -16.99
N GLN D 31 14.81 -2.04 -16.16
CA GLN D 31 14.88 -3.34 -15.51
C GLN D 31 13.81 -3.48 -14.41
N ASN D 32 13.36 -4.70 -14.16
CA ASN D 32 12.40 -4.98 -13.08
C ASN D 32 12.88 -4.45 -11.72
N ASP D 33 11.94 -4.20 -10.80
CA ASP D 33 12.29 -3.55 -9.53
C ASP D 33 13.00 -4.42 -8.50
N ILE D 34 12.77 -5.73 -8.55
CA ILE D 34 13.51 -6.65 -7.68
C ILE D 34 15.01 -6.55 -7.95
N GLY D 35 15.38 -6.68 -9.23
CA GLY D 35 16.77 -6.52 -9.66
C GLY D 35 17.31 -5.14 -9.40
N ASN D 36 16.46 -4.14 -9.56
CA ASN D 36 16.84 -2.75 -9.28
C ASN D 36 17.15 -2.48 -7.80
N ARG D 37 17.00 -3.50 -6.95
CA ARG D 37 17.24 -3.34 -5.53
C ARG D 37 18.40 -4.22 -5.07
N PHE D 38 18.31 -5.50 -5.37
CA PHE D 38 19.29 -6.47 -4.88
C PHE D 38 20.37 -6.82 -5.90
N SER D 39 20.65 -5.91 -6.82
CA SER D 39 21.68 -6.13 -7.82
C SER D 39 22.49 -4.86 -8.07
N PRO D 40 23.81 -5.02 -8.26
CA PRO D 40 24.71 -3.89 -8.47
C PRO D 40 24.48 -3.20 -9.81
N THR D 41 23.98 -3.98 -10.78
CA THR D 41 23.81 -3.52 -12.15
C THR D 41 22.39 -3.04 -12.42
N ALA D 42 22.23 -2.09 -13.34
CA ALA D 42 20.91 -1.64 -13.78
C ALA D 42 20.87 -1.63 -15.31
N ILE D 43 19.75 -2.02 -15.89
CA ILE D 43 19.60 -1.99 -17.35
C ILE D 43 18.85 -0.72 -17.73
N VAL D 44 19.46 0.09 -18.59
CA VAL D 44 18.90 1.37 -18.97
C VAL D 44 18.79 1.57 -20.50
N ALA D 45 18.05 2.60 -20.91
CA ALA D 45 17.86 2.91 -22.32
C ALA D 45 18.22 4.38 -22.55
N ALA D 46 19.14 4.65 -23.47
CA ALA D 46 19.62 6.02 -23.67
C ALA D 46 18.51 7.02 -24.02
N ILE D 47 18.80 8.30 -23.84
CA ILE D 47 17.89 9.38 -24.19
C ILE D 47 18.70 10.48 -24.88
N THR D 48 18.18 11.02 -25.97
CA THR D 48 18.90 12.06 -26.71
C THR D 48 18.00 13.26 -27.00
N ALA D 49 18.62 14.39 -27.34
CA ALA D 49 17.86 15.59 -27.65
C ALA D 49 18.26 16.14 -29.03
N GLN D 50 18.93 15.32 -29.83
CA GLN D 50 19.33 15.75 -31.17
C GLN D 50 18.16 15.67 -32.13
N ILE D 51 17.10 15.01 -31.68
CA ILE D 51 15.82 14.97 -32.38
C ILE D 51 14.70 15.27 -31.38
N GLN D 52 13.53 15.69 -31.88
CA GLN D 52 12.39 15.99 -31.02
C GLN D 52 11.19 15.10 -31.35
N LYS D 53 11.24 14.47 -32.51
CA LYS D 53 10.18 13.58 -32.97
C LYS D 53 10.70 12.16 -33.15
N ALA D 54 9.82 11.18 -32.94
CA ALA D 54 10.17 9.79 -33.20
C ALA D 54 10.43 9.55 -34.69
N LYS D 55 11.51 8.82 -34.98
CA LYS D 55 11.85 8.44 -36.35
C LYS D 55 11.80 6.92 -36.50
N LEU D 56 11.28 6.26 -35.47
CA LEU D 56 11.22 4.80 -35.43
C LEU D 56 10.13 4.36 -34.47
N PRO D 57 9.58 3.16 -34.68
CA PRO D 57 8.64 2.56 -33.72
C PRO D 57 9.32 2.15 -32.43
N THR D 58 10.65 2.29 -32.40
CA THR D 58 11.40 2.05 -31.17
C THR D 58 11.70 3.35 -30.41
N HIS D 59 10.99 4.43 -30.73
CA HIS D 59 11.19 5.72 -30.05
C HIS D 59 10.00 6.19 -29.21
N VAL D 60 10.27 6.79 -28.05
CA VAL D 60 9.18 7.37 -27.26
C VAL D 60 9.49 8.85 -27.00
N GLU D 61 8.56 9.73 -27.38
CA GLU D 61 8.79 11.16 -27.22
C GLU D 61 8.57 11.59 -25.79
N ILE D 62 9.33 12.60 -25.37
CA ILE D 62 9.21 13.17 -24.04
C ILE D 62 9.01 14.67 -24.17
N ASP D 63 7.90 15.17 -23.64
CA ASP D 63 7.62 16.60 -23.67
C ASP D 63 8.45 17.31 -22.60
N ALA D 64 9.02 18.45 -22.95
CA ALA D 64 9.89 19.19 -22.04
C ALA D 64 9.13 19.74 -20.82
N LYS D 65 8.01 20.42 -21.05
CA LYS D 65 7.30 21.10 -19.98
C LYS D 65 6.62 20.12 -19.04
N ARG D 66 6.14 19.02 -19.59
CA ARG D 66 5.42 18.02 -18.81
C ARG D 66 6.33 17.25 -17.85
N TYR D 67 7.57 17.01 -18.27
CA TYR D 67 8.52 16.22 -17.49
C TYR D 67 9.78 16.97 -17.08
N GLY D 68 9.68 18.31 -17.05
CA GLY D 68 10.78 19.15 -16.61
C GLY D 68 12.08 18.92 -17.33
N PHE D 69 12.04 19.02 -18.66
CA PHE D 69 13.27 18.95 -19.46
C PHE D 69 13.55 20.32 -20.03
N GLU D 70 14.82 20.62 -20.28
CA GLU D 70 15.19 21.88 -20.88
C GLU D 70 14.71 21.93 -22.33
N ARG D 71 14.77 20.78 -22.99
CA ARG D 71 14.33 20.66 -24.37
C ARG D 71 13.70 19.30 -24.66
N ASP D 72 12.75 19.29 -25.60
CA ASP D 72 12.06 18.08 -26.03
C ASP D 72 13.05 16.97 -26.40
N SER D 73 12.78 15.76 -25.92
CA SER D 73 13.71 14.65 -26.10
C SER D 73 12.99 13.37 -26.53
N VAL D 74 13.78 12.36 -26.87
CA VAL D 74 13.26 11.08 -27.36
C VAL D 74 14.05 9.92 -26.74
N ILE D 75 13.33 8.96 -26.17
CA ILE D 75 13.95 7.74 -25.64
C ILE D 75 14.25 6.78 -26.80
N LEU D 76 15.45 6.19 -26.79
CA LEU D 76 15.91 5.30 -27.86
C LEU D 76 15.93 3.83 -27.43
N LEU D 77 14.82 3.14 -27.59
CA LEU D 77 14.71 1.74 -27.15
C LEU D 77 15.53 0.78 -28.02
N GLU D 78 16.22 1.31 -29.02
CA GLU D 78 17.23 0.55 -29.76
C GLU D 78 18.59 0.65 -29.05
N GLN D 79 18.69 1.63 -28.16
CA GLN D 79 19.94 1.86 -27.44
C GLN D 79 19.79 1.46 -25.96
N ILE D 80 20.07 0.21 -25.64
CA ILE D 80 19.94 -0.26 -24.26
C ILE D 80 21.21 -0.95 -23.75
N ARG D 81 21.56 -0.71 -22.50
CA ARG D 81 22.76 -1.33 -21.93
C ARG D 81 22.65 -1.43 -20.41
N THR D 82 23.38 -2.37 -19.82
CA THR D 82 23.33 -2.53 -18.36
C THR D 82 24.57 -1.93 -17.75
N ILE D 83 24.39 -1.03 -16.80
CA ILE D 83 25.49 -0.34 -16.14
C ILE D 83 25.46 -0.49 -14.62
N ASP D 84 26.55 -0.09 -13.99
CA ASP D 84 26.66 -0.04 -12.53
C ASP D 84 25.79 1.10 -12.01
N LYS D 85 24.94 0.80 -11.02
CA LYS D 85 24.00 1.78 -10.47
C LYS D 85 24.73 3.00 -9.91
N GLN D 86 25.99 2.82 -9.55
CA GLN D 86 26.77 3.87 -8.93
C GLN D 86 26.96 5.07 -9.86
N ARG D 87 26.81 4.84 -11.16
CA ARG D 87 26.94 5.89 -12.14
C ARG D 87 25.65 6.72 -12.25
N LEU D 88 24.61 6.28 -11.55
CA LEU D 88 23.36 7.05 -11.51
C LEU D 88 23.49 8.15 -10.45
N THR D 89 23.43 9.41 -10.87
CA THR D 89 23.54 10.51 -9.93
C THR D 89 22.20 11.18 -9.64
N ASP D 90 21.90 12.28 -10.32
CA ASP D 90 20.66 13.02 -10.07
C ASP D 90 19.45 12.33 -10.67
N LYS D 91 18.44 12.10 -9.84
CA LYS D 91 17.14 11.66 -10.36
C LYS D 91 16.38 12.86 -10.90
N ILE D 92 16.24 12.95 -12.22
CA ILE D 92 15.55 14.08 -12.83
C ILE D 92 14.01 13.97 -12.79
N THR D 93 13.48 12.78 -13.06
CA THR D 93 12.04 12.57 -12.93
C THR D 93 11.64 11.10 -12.94
N HIS D 94 10.33 10.89 -13.04
CA HIS D 94 9.74 9.56 -13.14
C HIS D 94 8.60 9.59 -14.15
N LEU D 95 8.46 8.55 -14.96
CA LEU D 95 7.45 8.52 -16.00
C LEU D 95 6.19 7.76 -15.54
N ASP D 96 5.02 8.31 -15.86
CA ASP D 96 3.75 7.69 -15.45
C ASP D 96 3.49 6.39 -16.19
N ASP D 97 2.38 5.75 -15.85
CA ASP D 97 2.02 4.49 -16.48
C ASP D 97 1.77 4.66 -17.98
N GLU D 98 1.25 5.83 -18.35
CA GLU D 98 0.94 6.14 -19.75
C GLU D 98 2.19 6.10 -20.63
N ASP D 101 3.84 2.64 -21.01
CA ASP D 101 3.16 1.69 -21.88
C ASP D 101 3.72 1.84 -23.28
N LYS D 102 4.19 3.04 -23.59
CA LYS D 102 4.83 3.32 -24.87
C LYS D 102 6.22 2.69 -24.94
N VAL D 103 7.02 2.96 -23.91
CA VAL D 103 8.31 2.31 -23.74
C VAL D 103 8.20 0.79 -23.81
N ASP D 104 7.11 0.22 -23.27
CA ASP D 104 6.88 -1.22 -23.28
C ASP D 104 6.71 -1.78 -24.69
N GLU D 105 5.82 -1.19 -25.48
CA GLU D 105 5.57 -1.71 -26.81
C GLU D 105 6.71 -1.40 -27.79
N ALA D 106 7.48 -0.37 -27.48
CA ALA D 106 8.63 0.02 -28.31
C ALA D 106 9.77 -0.96 -28.09
N LEU D 107 9.82 -1.49 -26.87
CA LEU D 107 10.86 -2.38 -26.41
C LEU D 107 10.60 -3.79 -26.94
N GLN D 108 9.34 -4.18 -26.98
CA GLN D 108 8.98 -5.48 -27.53
C GLN D 108 9.25 -5.53 -29.02
N ILE D 109 9.05 -4.41 -29.70
CA ILE D 109 9.36 -4.34 -31.13
C ILE D 109 10.86 -4.45 -31.33
N SER D 110 11.59 -3.64 -30.58
CA SER D 110 13.05 -3.60 -30.68
C SER D 110 13.67 -4.97 -30.47
N LEU D 111 13.07 -5.77 -29.60
CA LEU D 111 13.66 -7.05 -29.24
C LEU D 111 12.84 -8.23 -29.74
N ALA D 112 11.94 -7.96 -30.67
CA ALA D 112 11.12 -8.99 -31.33
C ALA D 112 10.39 -9.88 -30.35
N LEU D 113 9.71 -9.26 -29.39
CA LEU D 113 8.83 -9.95 -28.45
C LEU D 113 7.41 -9.70 -28.97
N ILE D 114 7.31 -9.48 -30.29
CA ILE D 114 6.08 -9.02 -30.96
C ILE D 114 4.95 -8.48 -30.05
N ALA E 7 -10.84 -28.77 13.57
CA ALA E 7 -11.36 -29.09 14.89
C ALA E 7 -12.77 -29.69 14.85
N ARG E 8 -13.76 -28.84 14.62
CA ARG E 8 -15.17 -29.21 14.72
C ARG E 8 -15.93 -29.92 13.57
N THR E 9 -16.42 -29.14 12.62
CA THR E 9 -17.15 -29.70 11.50
C THR E 9 -16.17 -30.40 10.59
N GLU E 10 -16.66 -31.15 9.61
CA GLU E 10 -15.81 -31.97 8.80
C GLU E 10 -16.47 -32.12 7.52
N LYS E 12 -16.16 -32.23 2.81
CA LYS E 12 -15.65 -32.83 1.59
C LYS E 12 -15.50 -31.81 0.49
N ILE E 13 -14.28 -31.66 -0.02
CA ILE E 13 -14.01 -30.69 -1.09
C ILE E 13 -13.34 -31.31 -2.31
N SER E 14 -13.39 -30.60 -3.43
CA SER E 14 -12.74 -31.04 -4.65
C SER E 14 -11.89 -29.92 -5.24
N LEU E 15 -10.59 -29.97 -4.95
CA LEU E 15 -9.65 -29.00 -5.51
C LEU E 15 -8.98 -29.54 -6.77
N PRO E 16 -8.70 -28.66 -7.73
CA PRO E 16 -7.92 -28.98 -8.94
C PRO E 16 -6.63 -29.73 -8.59
N GLU E 17 -6.21 -30.66 -9.44
CA GLU E 17 -5.04 -31.48 -9.16
C GLU E 17 -3.76 -30.66 -9.06
N ASN E 18 -3.70 -29.58 -9.83
CA ASN E 18 -2.52 -28.72 -9.85
C ASN E 18 -2.40 -27.90 -8.56
N LEU E 19 -3.55 -27.46 -8.04
CA LEU E 19 -3.60 -26.56 -6.90
C LEU E 19 -3.17 -27.28 -5.63
N VAL E 20 -3.54 -28.54 -5.52
CA VAL E 20 -3.14 -29.35 -4.38
C VAL E 20 -1.65 -29.68 -4.46
N ALA E 21 -1.18 -29.99 -5.67
CA ALA E 21 0.25 -30.28 -5.90
C ALA E 21 1.13 -29.11 -5.48
N GLU E 22 0.63 -27.93 -5.76
CA GLU E 22 1.34 -26.70 -5.46
C GLU E 22 1.24 -26.47 -3.97
N LEU E 23 0.05 -26.77 -3.43
CA LEU E 23 -0.23 -26.58 -2.02
C LEU E 23 0.69 -27.43 -1.17
N ASP E 24 0.92 -28.66 -1.60
CA ASP E 24 1.82 -29.54 -0.89
C ASP E 24 3.25 -29.03 -0.99
N GLY E 25 3.53 -28.29 -2.06
CA GLY E 25 4.83 -27.66 -2.19
C GLY E 25 5.08 -26.71 -1.04
N VAL E 26 4.14 -25.81 -0.79
CA VAL E 26 4.30 -24.83 0.28
C VAL E 26 4.23 -25.50 1.65
N ALA E 27 3.74 -26.74 1.66
CA ALA E 27 3.60 -27.48 2.91
C ALA E 27 4.93 -28.12 3.27
N ARG E 29 7.63 -27.16 2.59
CA ARG E 29 8.58 -26.08 2.87
C ARG E 29 8.39 -25.41 4.24
N GLU E 30 7.14 -25.03 4.55
CA GLU E 30 6.83 -24.36 5.80
C GLU E 30 6.60 -25.35 6.94
N LYS E 31 6.81 -26.63 6.64
CA LYS E 31 6.63 -27.72 7.59
C LYS E 31 5.29 -27.65 8.33
N ARG E 32 4.22 -27.75 7.55
CA ARG E 32 2.87 -27.87 8.08
C ARG E 32 2.10 -28.91 7.25
N SER E 33 0.84 -29.13 7.62
CA SER E 33 -0.02 -30.07 6.90
C SER E 33 -0.98 -29.34 5.96
N ARG E 34 -1.66 -30.11 5.11
CA ARG E 34 -2.71 -29.57 4.23
C ARG E 34 -3.80 -28.84 5.00
N ASN E 35 -4.39 -29.54 5.98
CA ASN E 35 -5.52 -29.01 6.76
C ASN E 35 -5.13 -27.77 7.55
N GLU E 36 -3.90 -27.75 8.05
CA GLU E 36 -3.40 -26.60 8.78
C GLU E 36 -3.31 -25.39 7.85
N LEU E 37 -3.09 -25.66 6.57
CA LEU E 37 -2.96 -24.62 5.55
C LEU E 37 -4.30 -24.22 4.93
N ILE E 38 -5.15 -25.20 4.66
CA ILE E 38 -6.49 -24.93 4.18
C ILE E 38 -7.26 -24.14 5.21
N SER E 39 -7.14 -24.56 6.47
CA SER E 39 -7.84 -23.89 7.56
C SER E 39 -7.38 -22.45 7.69
N GLN E 40 -6.07 -22.24 7.68
CA GLN E 40 -5.53 -20.90 7.75
C GLN E 40 -5.98 -20.03 6.56
N ALA E 41 -6.15 -20.66 5.41
CA ALA E 41 -6.53 -19.96 4.18
C ALA E 41 -7.99 -19.53 4.20
N VAL E 42 -8.85 -20.39 4.73
CA VAL E 42 -10.26 -20.09 4.84
C VAL E 42 -10.46 -18.94 5.83
N ARG E 43 -9.68 -18.93 6.90
CA ARG E 43 -9.78 -17.88 7.91
C ARG E 43 -9.48 -16.52 7.29
N ALA E 44 -8.29 -16.39 6.70
CA ALA E 44 -7.87 -15.18 6.02
C ALA E 44 -8.90 -14.65 5.03
N TYR E 45 -9.44 -15.54 4.24
CA TYR E 45 -10.42 -15.16 3.24
C TYR E 45 -11.68 -14.63 3.89
N VAL E 46 -12.20 -15.36 4.88
CA VAL E 46 -13.43 -15.00 5.59
C VAL E 46 -13.30 -13.72 6.42
N SER E 47 -12.18 -13.57 7.11
CA SER E 47 -11.86 -12.30 7.77
C SER E 47 -11.88 -11.14 6.78
N GLU E 48 -11.23 -11.32 5.63
CA GLU E 48 -11.17 -10.30 4.58
C GLU E 48 -12.56 -9.89 4.09
N ARG E 49 -13.43 -10.88 3.89
CA ARG E 49 -14.78 -10.63 3.43
C ARG E 49 -15.67 -9.98 4.48
N THR E 50 -15.56 -10.46 5.72
CA THR E 50 -16.37 -9.92 6.82
C THR E 50 -15.99 -8.46 7.06
N THR E 51 -14.71 -8.19 7.24
CA THR E 51 -14.21 -6.83 7.36
C THR E 51 -14.76 -5.89 6.28
N ARG E 52 -14.57 -6.25 5.01
CA ARG E 52 -15.03 -5.37 3.96
C ARG E 52 -16.54 -5.15 3.98
N HIS E 53 -17.28 -6.16 4.39
CA HIS E 53 -18.73 -6.06 4.47
C HIS E 53 -19.11 -5.06 5.56
N ASN E 54 -18.43 -5.18 6.69
CA ASN E 54 -18.69 -4.29 7.80
C ASN E 54 -18.34 -2.84 7.45
N ARG E 55 -17.24 -2.64 6.72
CA ARG E 55 -16.86 -1.28 6.33
C ARG E 55 -17.97 -0.69 5.46
N ASP E 56 -18.66 -1.55 4.72
CA ASP E 56 -19.68 -1.07 3.79
C ASP E 56 -20.98 -0.77 4.50
N LEU E 57 -21.25 -1.52 5.57
CA LEU E 57 -22.41 -1.22 6.39
C LEU E 57 -22.19 0.05 7.22
N ARG E 59 -20.34 2.80 6.34
CA ARG E 59 -20.58 3.88 5.37
C ARG E 59 -22.05 4.13 5.15
N ARG E 60 -22.80 3.07 4.85
CA ARG E 60 -24.21 3.16 4.52
C ARG E 60 -25.00 3.78 5.68
N GLY E 61 -24.61 3.42 6.89
CA GLY E 61 -25.26 3.93 8.10
C GLY E 61 -24.94 5.39 8.35
N TYR E 62 -23.66 5.73 8.31
CA TYR E 62 -23.24 7.11 8.43
C TYR E 62 -23.99 7.99 7.42
N GLU E 64 -26.88 7.49 6.11
CA GLU E 64 -28.31 7.54 6.44
C GLU E 64 -28.56 8.46 7.64
N ALA E 66 -26.82 11.24 8.45
CA ALA E 66 -26.32 12.58 8.21
C ALA E 66 -27.28 13.68 8.66
N LYS E 67 -28.56 13.53 8.35
CA LYS E 67 -29.56 14.57 8.66
C LYS E 67 -29.73 14.78 10.16
N ILE E 68 -29.74 13.68 10.90
CA ILE E 68 -29.86 13.73 12.36
C ILE E 68 -28.58 14.26 12.97
N ASN E 69 -27.47 13.59 12.72
CA ASN E 69 -26.19 13.94 13.33
C ASN E 69 -25.80 15.39 13.08
N LEU E 70 -26.17 15.92 11.93
CA LEU E 70 -25.85 17.30 11.63
C LEU E 70 -26.69 18.25 12.46
N ASN E 71 -28.01 18.04 12.43
CA ASN E 71 -28.96 18.84 13.18
C ASN E 71 -28.56 18.99 14.64
N ILE E 72 -28.32 17.85 15.29
CA ILE E 72 -28.06 17.86 16.70
C ILE E 72 -26.64 18.34 17.03
N SER E 73 -25.75 18.30 16.05
CA SER E 73 -24.41 18.86 16.23
C SER E 73 -24.48 20.39 16.28
N SER E 74 -25.48 20.94 15.59
CA SER E 74 -25.71 22.38 15.56
C SER E 74 -26.53 22.80 16.77
N GLU E 75 -27.60 22.09 17.05
CA GLU E 75 -28.45 22.41 18.19
C GLU E 75 -27.76 22.40 19.52
N ALA E 76 -26.58 21.82 19.61
CA ALA E 76 -25.79 21.86 20.84
C ALA E 76 -24.45 22.59 20.68
N HIS E 77 -24.33 23.38 19.62
CA HIS E 77 -23.09 24.08 19.33
C HIS E 77 -22.69 25.06 20.42
N PHE E 78 -23.66 25.88 20.83
CA PHE E 78 -23.40 26.92 21.82
C PHE E 78 -22.91 26.36 23.14
N ALA E 79 -23.53 25.26 23.58
CA ALA E 79 -23.14 24.60 24.81
C ALA E 79 -21.66 24.23 24.77
N GLU E 80 -21.24 23.69 23.63
CA GLU E 80 -19.84 23.33 23.37
C GLU E 80 -18.93 24.53 23.53
N CYS E 81 -19.27 25.61 22.85
CA CYS E 81 -18.44 26.79 22.78
C CYS E 81 -18.25 27.44 24.15
N GLU E 82 -19.26 27.31 25.03
CA GLU E 82 -19.20 27.89 26.37
C GLU E 82 -18.29 27.07 27.29
N ALA E 83 -18.26 25.76 27.08
CA ALA E 83 -17.43 24.86 27.88
C ALA E 83 -15.97 24.87 27.43
N GLU E 84 -15.61 25.88 26.64
CA GLU E 84 -14.27 26.03 26.07
C GLU E 84 -13.28 26.60 27.10
N ARG F 8 -8.30 -33.34 -10.34
CA ARG F 8 -9.26 -32.85 -9.36
C ARG F 8 -9.30 -33.60 -8.02
N THR F 9 -8.19 -33.68 -7.30
CA THR F 9 -8.18 -34.39 -6.03
C THR F 9 -9.33 -34.04 -5.07
N GLU F 10 -9.51 -34.82 -4.01
CA GLU F 10 -10.65 -34.69 -3.13
C GLU F 10 -10.17 -35.04 -1.77
N LYS F 12 -10.52 -34.38 2.87
CA LYS F 12 -11.24 -34.31 4.14
C LYS F 12 -10.61 -33.29 5.08
N ILE F 13 -11.38 -32.29 5.48
CA ILE F 13 -10.87 -31.26 6.39
C ILE F 13 -11.73 -31.08 7.64
N SER F 14 -11.15 -30.44 8.66
CA SER F 14 -11.85 -30.13 9.90
C SER F 14 -11.70 -28.66 10.28
N LEU F 15 -12.71 -27.86 9.93
CA LEU F 15 -12.71 -26.44 10.25
C LEU F 15 -13.51 -26.22 11.53
N PRO F 16 -13.08 -25.24 12.35
CA PRO F 16 -13.80 -24.76 13.54
C PRO F 16 -15.27 -24.48 13.21
N GLU F 17 -16.16 -24.77 14.16
CA GLU F 17 -17.60 -24.60 13.94
C GLU F 17 -17.99 -23.16 13.64
N ASN F 18 -17.25 -22.22 14.24
CA ASN F 18 -17.55 -20.80 14.06
C ASN F 18 -17.15 -20.31 12.68
N LEU F 19 -16.03 -20.83 12.18
CA LEU F 19 -15.46 -20.37 10.92
C LEU F 19 -16.31 -20.81 9.73
N VAL F 20 -16.89 -21.99 9.83
CA VAL F 20 -17.78 -22.47 8.78
C VAL F 20 -19.10 -21.69 8.83
N ALA F 21 -19.59 -21.41 10.03
CA ALA F 21 -20.84 -20.64 10.19
C ALA F 21 -20.71 -19.27 9.57
N GLU F 22 -19.53 -18.70 9.73
CA GLU F 22 -19.23 -17.38 9.21
C GLU F 22 -19.07 -17.49 7.72
N LEU F 23 -18.41 -18.56 7.30
CA LEU F 23 -18.16 -18.83 5.89
C LEU F 23 -19.48 -18.94 5.13
N ASP F 24 -20.44 -19.66 5.69
CA ASP F 24 -21.74 -19.77 5.03
C ASP F 24 -22.42 -18.42 4.97
N GLY F 25 -22.07 -17.53 5.89
CA GLY F 25 -22.62 -16.19 5.89
C GLY F 25 -22.25 -15.52 4.60
N VAL F 26 -20.96 -15.51 4.29
CA VAL F 26 -20.46 -14.84 3.09
C VAL F 26 -20.94 -15.57 1.85
N ALA F 27 -21.36 -16.82 2.02
CA ALA F 27 -21.84 -17.61 0.90
C ALA F 27 -23.28 -17.25 0.55
N ARG F 29 -24.59 -14.63 0.93
CA ARG F 29 -24.57 -13.25 0.46
C ARG F 29 -24.06 -13.12 -0.98
N GLU F 30 -22.90 -13.71 -1.25
CA GLU F 30 -22.27 -13.61 -2.57
C GLU F 30 -22.83 -14.65 -3.55
N LYS F 31 -23.82 -15.39 -3.09
CA LYS F 31 -24.48 -16.44 -3.87
C LYS F 31 -23.48 -17.38 -4.51
N ARG F 32 -22.72 -18.07 -3.66
CA ARG F 32 -21.83 -19.14 -4.10
C ARG F 32 -21.90 -20.28 -3.08
N SER F 33 -21.15 -21.35 -3.33
CA SER F 33 -21.13 -22.52 -2.45
C SER F 33 -19.89 -22.51 -1.57
N ARG F 34 -19.88 -23.39 -0.58
CA ARG F 34 -18.70 -23.61 0.28
C ARG F 34 -17.45 -23.93 -0.52
N ASN F 35 -17.52 -24.97 -1.34
CA ASN F 35 -16.39 -25.46 -2.11
C ASN F 35 -15.88 -24.41 -3.09
N GLU F 36 -16.79 -23.65 -3.67
CA GLU F 36 -16.41 -22.57 -4.58
C GLU F 36 -15.60 -21.49 -3.85
N LEU F 37 -15.89 -21.35 -2.55
CA LEU F 37 -15.23 -20.35 -1.71
C LEU F 37 -13.93 -20.87 -1.10
N ILE F 38 -13.96 -22.09 -0.58
CA ILE F 38 -12.77 -22.74 -0.07
C ILE F 38 -11.72 -22.85 -1.15
N SER F 39 -12.15 -23.26 -2.34
CA SER F 39 -11.23 -23.41 -3.47
C SER F 39 -10.60 -22.07 -3.85
N GLN F 40 -11.40 -21.02 -3.92
CA GLN F 40 -10.89 -19.71 -4.23
C GLN F 40 -9.96 -19.20 -3.12
N ALA F 41 -10.19 -19.65 -1.91
CA ALA F 41 -9.40 -19.21 -0.77
C ALA F 41 -8.03 -19.89 -0.75
N VAL F 42 -8.01 -21.16 -1.15
CA VAL F 42 -6.76 -21.91 -1.22
C VAL F 42 -5.89 -21.36 -2.35
N ARG F 43 -6.53 -20.97 -3.45
CA ARG F 43 -5.81 -20.40 -4.59
C ARG F 43 -5.06 -19.13 -4.17
N ALA F 44 -5.83 -18.15 -3.68
CA ALA F 44 -5.26 -16.89 -3.21
C ALA F 44 -4.10 -17.06 -2.23
N TYR F 45 -4.25 -17.98 -1.29
CA TYR F 45 -3.23 -18.22 -0.29
C TYR F 45 -1.97 -18.80 -0.92
N VAL F 46 -2.15 -19.77 -1.81
CA VAL F 46 -1.03 -20.47 -2.45
C VAL F 46 -0.33 -19.58 -3.47
N SER F 47 -1.09 -18.79 -4.21
CA SER F 47 -0.50 -17.78 -5.08
C SER F 47 0.36 -16.80 -4.28
N GLU F 48 -0.17 -16.33 -3.15
CA GLU F 48 0.53 -15.40 -2.27
C GLU F 48 1.84 -15.96 -1.74
N ARG F 49 1.84 -17.23 -1.37
CA ARG F 49 3.03 -17.91 -0.84
C ARG F 49 4.07 -18.18 -1.93
N THR F 50 3.59 -18.61 -3.10
CA THR F 50 4.48 -18.94 -4.20
C THR F 50 5.20 -17.67 -4.66
N THR F 51 4.42 -16.62 -4.97
CA THR F 51 4.98 -15.32 -5.31
C THR F 51 6.07 -14.88 -4.34
N ARG F 52 5.75 -14.81 -3.05
CA ARG F 52 6.74 -14.34 -2.09
C ARG F 52 8.00 -15.20 -2.07
N HIS F 53 7.83 -16.49 -2.30
CA HIS F 53 8.96 -17.41 -2.30
C HIS F 53 9.86 -17.10 -3.47
N ASN F 54 9.23 -16.89 -4.62
CA ASN F 54 9.96 -16.57 -5.82
C ASN F 54 10.70 -15.23 -5.71
N ARG F 55 10.06 -14.22 -5.13
CA ARG F 55 10.73 -12.94 -4.90
C ARG F 55 11.99 -13.14 -4.05
N ASP F 56 11.93 -14.09 -3.13
CA ASP F 56 13.06 -14.33 -2.23
C ASP F 56 14.18 -15.08 -2.92
N LEU F 57 13.83 -15.95 -3.86
CA LEU F 57 14.83 -16.65 -4.64
C LEU F 57 15.51 -15.73 -5.67
N ARG F 59 16.02 -12.38 -5.27
CA ARG F 59 16.98 -11.61 -4.45
C ARG F 59 18.27 -12.39 -4.18
N ARG F 60 18.10 -13.63 -3.72
CA ARG F 60 19.22 -14.45 -3.31
C ARG F 60 20.16 -14.67 -4.47
N GLY F 61 19.57 -14.84 -5.65
CA GLY F 61 20.31 -15.11 -6.87
C GLY F 61 21.06 -13.88 -7.35
N TYR F 62 20.36 -12.75 -7.45
CA TYR F 62 21.00 -11.49 -7.76
C TYR F 62 22.18 -11.21 -6.85
N GLU F 64 24.02 -13.35 -5.28
CA GLU F 64 25.09 -14.32 -5.56
C GLU F 64 25.82 -13.99 -6.85
N ALA F 66 26.37 -10.93 -8.15
CA ALA F 66 26.94 -9.58 -8.13
C ALA F 66 28.38 -9.51 -8.68
N LYS F 67 29.25 -10.43 -8.27
CA LYS F 67 30.65 -10.39 -8.66
C LYS F 67 30.84 -10.59 -10.16
N ILE F 68 30.07 -11.50 -10.74
CA ILE F 68 30.13 -11.75 -12.17
C ILE F 68 29.52 -10.58 -12.92
N ASN F 69 28.23 -10.31 -12.66
CA ASN F 69 27.52 -9.25 -13.36
C ASN F 69 28.20 -7.89 -13.37
N LEU F 70 28.90 -7.58 -12.29
CA LEU F 70 29.61 -6.33 -12.20
C LEU F 70 30.83 -6.35 -13.11
N ASN F 71 31.64 -7.39 -12.98
CA ASN F 71 32.86 -7.56 -13.75
C ASN F 71 32.60 -7.39 -15.24
N ILE F 72 31.64 -8.16 -15.74
CA ILE F 72 31.37 -8.17 -17.15
C ILE F 72 30.64 -6.90 -17.63
N SER F 73 29.96 -6.21 -16.71
CA SER F 73 29.37 -4.91 -17.05
C SER F 73 30.48 -3.87 -17.32
N SER F 74 31.60 -4.04 -16.64
CA SER F 74 32.74 -3.15 -16.81
C SER F 74 33.56 -3.56 -18.02
N GLU F 75 33.78 -4.86 -18.15
CA GLU F 75 34.61 -5.43 -19.21
C GLU F 75 34.11 -5.02 -20.60
N ALA F 76 32.83 -4.69 -20.69
CA ALA F 76 32.20 -4.32 -21.95
C ALA F 76 31.70 -2.88 -21.97
N HIS F 77 32.22 -2.07 -21.05
CA HIS F 77 31.77 -0.69 -20.92
C HIS F 77 32.10 0.14 -22.16
N PHE F 78 33.34 0.02 -22.62
CA PHE F 78 33.80 0.80 -23.76
C PHE F 78 33.00 0.54 -25.02
N ALA F 79 32.69 -0.74 -25.25
CA ALA F 79 31.90 -1.15 -26.41
C ALA F 79 30.58 -0.40 -26.41
N GLU F 80 29.97 -0.30 -25.25
CA GLU F 80 28.73 0.40 -25.12
C GLU F 80 28.90 1.84 -25.47
N CYS F 81 29.87 2.50 -24.85
CA CYS F 81 30.04 3.94 -24.98
C CYS F 81 30.28 4.32 -26.45
N GLU F 82 30.87 3.42 -27.22
CA GLU F 82 31.13 3.67 -28.65
C GLU F 82 29.86 3.57 -29.49
N ALA F 83 28.97 2.66 -29.10
CA ALA F 83 27.72 2.47 -29.82
C ALA F 83 26.66 3.51 -29.43
N GLU F 84 27.11 4.61 -28.83
CA GLU F 84 26.24 5.69 -28.39
C GLU F 84 25.92 6.67 -29.52
N THR F 85 26.71 7.76 -29.56
CA THR F 85 26.57 8.84 -30.52
C THR F 85 26.90 8.44 -31.94
N THR F 86 27.22 7.16 -32.13
CA THR F 86 27.51 6.59 -33.44
C THR F 86 26.44 6.96 -34.46
#